data_7DUA
#
_entry.id   7DUA
#
_cell.length_a   50.714
_cell.length_b   80.215
_cell.length_c   79.677
_cell.angle_alpha   90.000
_cell.angle_beta   99.400
_cell.angle_gamma   90.000
#
_symmetry.space_group_name_H-M   'P 1 21 1'
#
loop_
_entity.id
_entity.type
_entity.pdbx_description
1 polymer 'Proto-oncogene tyrosine-protein kinase receptor Ret'
2 non-polymer 4-azanyl-7-(1-methylcyclopropyl)-~{N}-(5-methyl-1~{H}-pyrazol-3-yl)pyrrolo[2,3-d]pyrimidine-5-carboxamide
3 water water
#
_entity_poly.entity_id   1
_entity_poly.type   'polypeptide(L)'
_entity_poly.pdbx_seq_one_letter_code
;GPLSLSVDAFKILEDPKWEFPRKNLVLGKTLGEGEFGKVVKATAFHLKGRAGYTTVAVKMLKENASPSELRDLLSEFNVL
KQVNHPHVIKLYGACSQDGPLLLIVEYAKYGSLRGFLRESRKVGPGYLGSGGSRNSSSLDHPDERALTMGDLISFAWQIS
QGMQYLAEMKLVHRDLAARNILVAEGRKMKISDFGLSRDVYEEDSYVKRSQGRIPVKWMAIESLFDHIYTTQSDVWSFGV
LLWEIVTLGGNPYPGIPPERLFNLLKTGHRMERPDNCSEEMYRLMLQCWKQEPDKRPVFADISKDLEKMMVKRR
;
_entity_poly.pdbx_strand_id   A,B
#
# COMPACT_ATOMS: atom_id res chain seq x y z
N LEU A 13 6.83 22.21 -10.34
CA LEU A 13 7.65 23.44 -10.64
C LEU A 13 8.91 23.50 -9.78
N GLU A 14 10.01 23.96 -10.40
CA GLU A 14 11.34 23.93 -9.77
C GLU A 14 11.51 25.09 -8.79
N ASP A 15 11.86 24.77 -7.54
CA ASP A 15 12.15 25.75 -6.50
C ASP A 15 13.67 25.75 -6.28
N PRO A 16 14.37 26.86 -6.61
CA PRO A 16 15.84 26.90 -6.43
C PRO A 16 16.37 26.87 -4.98
N LYS A 17 15.50 27.16 -4.00
CA LYS A 17 15.80 26.88 -2.59
C LYS A 17 16.03 25.38 -2.30
N TRP A 18 15.34 24.50 -3.04
CA TRP A 18 15.35 23.04 -2.81
C TRP A 18 15.96 22.17 -3.90
N GLU A 19 15.90 22.60 -5.17
CA GLU A 19 16.33 21.77 -6.30
C GLU A 19 17.83 21.48 -6.22
N PHE A 20 18.21 20.22 -6.40
CA PHE A 20 19.60 19.78 -6.21
C PHE A 20 20.12 19.16 -7.51
N PRO A 21 21.40 19.43 -7.90
CA PRO A 21 21.90 18.84 -9.16
C PRO A 21 21.94 17.31 -9.08
N ARG A 22 21.34 16.63 -10.06
N ARG A 22 21.34 16.64 -10.07
CA ARG A 22 21.30 15.16 -10.07
CA ARG A 22 21.26 15.16 -10.09
C ARG A 22 22.66 14.49 -10.09
C ARG A 22 22.64 14.49 -10.11
N LYS A 23 23.59 15.07 -10.86
CA LYS A 23 24.99 14.58 -10.89
C LYS A 23 25.70 14.57 -9.52
N ASN A 24 25.24 15.41 -8.58
CA ASN A 24 25.77 15.49 -7.22
C ASN A 24 25.18 14.52 -6.21
N LEU A 25 24.22 13.68 -6.61
CA LEU A 25 23.61 12.71 -5.72
C LEU A 25 23.94 11.30 -6.24
N VAL A 26 24.51 10.48 -5.36
CA VAL A 26 24.82 9.10 -5.66
C VAL A 26 24.04 8.22 -4.69
N LEU A 27 23.30 7.26 -5.24
CA LEU A 27 22.38 6.40 -4.47
C LEU A 27 23.07 5.09 -4.16
N GLY A 28 22.81 4.57 -2.96
CA GLY A 28 23.34 3.31 -2.50
C GLY A 28 22.24 2.33 -2.14
N LYS A 29 22.49 1.56 -1.10
CA LYS A 29 21.63 0.41 -0.75
C LYS A 29 20.25 0.86 -0.28
N THR A 30 19.28 -0.02 -0.47
CA THR A 30 17.93 0.20 0.03
C THR A 30 17.92 0.01 1.55
N LEU A 31 17.44 1.04 2.25
CA LEU A 31 17.26 0.99 3.69
C LEU A 31 15.90 0.40 4.05
N GLY A 32 14.88 0.74 3.27
CA GLY A 32 13.54 0.20 3.48
C GLY A 32 12.62 0.43 2.29
N GLU A 33 11.63 -0.44 2.16
CA GLU A 33 10.75 -0.49 0.99
C GLU A 33 9.37 -0.98 1.46
N GLY A 34 8.32 -0.34 0.96
CA GLY A 34 6.94 -0.73 1.32
C GLY A 34 5.91 0.22 0.76
N GLU A 35 4.72 0.25 1.39
CA GLU A 35 3.61 1.16 1.02
C GLU A 35 4.02 2.64 0.95
N PHE A 36 4.81 3.07 1.95
CA PHE A 36 5.42 4.41 2.02
C PHE A 36 6.28 4.86 0.82
N GLY A 37 6.81 3.92 0.04
CA GLY A 37 7.74 4.19 -1.07
C GLY A 37 9.02 3.38 -0.84
N LYS A 38 10.14 3.90 -1.33
CA LYS A 38 11.46 3.28 -1.20
C LYS A 38 12.39 4.32 -0.61
N VAL A 39 13.15 3.96 0.43
CA VAL A 39 14.18 4.84 0.98
C VAL A 39 15.53 4.15 0.80
N VAL A 40 16.49 4.90 0.25
CA VAL A 40 17.86 4.42 0.02
C VAL A 40 18.83 5.30 0.79
N LYS A 41 19.96 4.71 1.15
CA LYS A 41 21.09 5.47 1.67
C LYS A 41 21.77 6.11 0.48
N ALA A 42 22.31 7.31 0.67
CA ALA A 42 22.90 8.07 -0.43
C ALA A 42 23.96 9.02 0.07
N THR A 43 24.63 9.68 -0.86
CA THR A 43 25.56 10.73 -0.57
C THR A 43 25.35 11.89 -1.54
N ALA A 44 25.47 13.11 -1.02
CA ALA A 44 25.21 14.33 -1.76
C ALA A 44 26.42 15.24 -1.73
N PHE A 45 26.88 15.66 -2.90
CA PHE A 45 28.08 16.48 -3.04
C PHE A 45 27.66 17.94 -3.01
N HIS A 46 28.30 18.75 -2.16
CA HIS A 46 28.05 20.21 -2.08
C HIS A 46 26.57 20.51 -1.73
N LEU A 47 26.08 19.83 -0.71
CA LEU A 47 24.70 20.01 -0.20
C LEU A 47 24.64 21.20 0.76
N LYS A 48 23.74 22.17 0.50
CA LYS A 48 23.35 23.23 1.46
C LYS A 48 24.53 23.84 2.25
N GLY A 49 25.51 24.35 1.51
CA GLY A 49 26.71 24.95 2.09
C GLY A 49 27.84 24.04 2.58
N ARG A 50 27.60 22.74 2.76
CA ARG A 50 28.62 21.79 3.22
C ARG A 50 29.52 21.41 2.06
N ALA A 51 30.82 21.70 2.16
CA ALA A 51 31.80 21.30 1.14
C ALA A 51 32.02 19.79 1.21
N GLY A 52 32.23 19.15 0.07
CA GLY A 52 32.38 17.68 0.01
C GLY A 52 31.08 16.91 0.06
N TYR A 53 31.19 15.61 0.37
CA TYR A 53 30.03 14.72 0.43
C TYR A 53 29.39 14.73 1.82
N THR A 54 28.06 14.57 1.83
CA THR A 54 27.27 14.39 3.04
C THR A 54 26.45 13.12 2.89
N THR A 55 26.50 12.24 3.88
CA THR A 55 25.64 11.05 3.89
C THR A 55 24.21 11.48 4.20
N VAL A 56 23.29 11.00 3.37
CA VAL A 56 21.86 11.36 3.42
C VAL A 56 21.03 10.11 3.18
N ALA A 57 19.71 10.27 3.31
CA ALA A 57 18.75 9.28 2.83
C ALA A 57 17.94 9.93 1.71
N VAL A 58 17.46 9.10 0.79
CA VAL A 58 16.64 9.53 -0.35
C VAL A 58 15.36 8.70 -0.39
N LYS A 59 14.22 9.40 -0.39
CA LYS A 59 12.93 8.76 -0.61
C LYS A 59 12.55 8.93 -2.09
N MET A 60 12.09 7.83 -2.68
CA MET A 60 11.67 7.78 -4.08
C MET A 60 10.50 6.85 -4.24
N LEU A 61 9.92 6.89 -5.43
CA LEU A 61 8.87 5.97 -5.80
C LEU A 61 9.45 4.56 -5.98
N LYS A 62 8.73 3.57 -5.45
CA LYS A 62 9.03 2.15 -5.70
C LYS A 62 8.66 1.78 -7.13
N GLU A 63 9.09 0.59 -7.54
CA GLU A 63 8.73 0.01 -8.84
C GLU A 63 7.20 -0.12 -8.94
N ASN A 64 6.66 0.20 -10.12
CA ASN A 64 5.21 0.14 -10.41
C ASN A 64 4.37 1.08 -9.53
N ALA A 65 4.85 2.31 -9.39
CA ALA A 65 4.16 3.32 -8.56
C ALA A 65 2.88 3.77 -9.23
N SER A 66 1.87 4.00 -8.40
CA SER A 66 0.57 4.52 -8.81
C SER A 66 0.51 6.05 -8.66
N PRO A 67 -0.54 6.70 -9.23
CA PRO A 67 -0.71 8.15 -9.04
C PRO A 67 -0.81 8.61 -7.58
N SER A 68 -1.50 7.84 -6.73
CA SER A 68 -1.58 8.13 -5.28
C SER A 68 -0.19 8.18 -4.60
N GLU A 69 0.72 7.29 -4.98
CA GLU A 69 2.08 7.27 -4.44
C GLU A 69 2.88 8.50 -4.89
N LEU A 70 2.75 8.88 -6.16
CA LEU A 70 3.36 10.12 -6.68
C LEU A 70 2.78 11.36 -5.99
N ARG A 71 1.46 11.43 -5.86
CA ARG A 71 0.82 12.58 -5.17
C ARG A 71 1.28 12.68 -3.72
N ASP A 72 1.36 11.53 -3.04
CA ASP A 72 1.88 11.48 -1.67
C ASP A 72 3.33 11.94 -1.55
N LEU A 73 4.20 11.52 -2.48
CA LEU A 73 5.61 11.98 -2.44
C LEU A 73 5.72 13.49 -2.69
N LEU A 74 4.94 13.99 -3.65
CA LEU A 74 4.84 15.43 -3.91
C LEU A 74 4.30 16.20 -2.72
N SER A 75 3.30 15.64 -2.05
CA SER A 75 2.73 16.26 -0.86
C SER A 75 3.75 16.32 0.28
N GLU A 76 4.51 15.24 0.50
CA GLU A 76 5.61 15.24 1.48
C GLU A 76 6.62 16.32 1.24
N PHE A 77 7.04 16.44 -0.03
CA PHE A 77 7.94 17.48 -0.44
C PHE A 77 7.39 18.85 -0.05
N ASN A 78 6.13 19.12 -0.40
CA ASN A 78 5.47 20.40 -0.08
C ASN A 78 5.40 20.68 1.43
N VAL A 79 5.05 19.67 2.21
CA VAL A 79 5.01 19.78 3.69
C VAL A 79 6.39 20.08 4.25
N LEU A 80 7.36 19.26 3.86
CA LEU A 80 8.71 19.35 4.43
C LEU A 80 9.48 20.63 4.05
N LYS A 81 9.12 21.28 2.94
CA LYS A 81 9.61 22.65 2.65
C LYS A 81 9.19 23.68 3.68
N GLN A 82 8.02 23.50 4.30
CA GLN A 82 7.42 24.49 5.20
C GLN A 82 7.61 24.24 6.69
N VAL A 83 7.85 22.99 7.09
CA VAL A 83 7.96 22.61 8.50
C VAL A 83 9.42 22.38 8.86
N ASN A 84 9.86 22.91 9.99
CA ASN A 84 11.22 22.74 10.50
C ASN A 84 11.19 22.59 12.00
N HIS A 85 11.74 21.49 12.50
CA HIS A 85 11.72 21.20 13.94
C HIS A 85 12.81 20.18 14.24
N PRO A 86 13.45 20.25 15.42
CA PRO A 86 14.51 19.24 15.73
C PRO A 86 14.08 17.77 15.77
N HIS A 87 12.79 17.52 15.94
CA HIS A 87 12.16 16.20 15.94
C HIS A 87 11.27 15.88 14.74
N VAL A 88 11.45 16.64 13.64
CA VAL A 88 10.87 16.31 12.34
C VAL A 88 12.04 16.09 11.40
N ILE A 89 11.95 15.03 10.57
N ILE A 89 11.98 15.03 10.59
CA ILE A 89 12.97 14.72 9.55
CA ILE A 89 13.07 14.71 9.65
C ILE A 89 13.30 15.96 8.71
C ILE A 89 13.32 15.88 8.68
N LYS A 90 14.58 16.26 8.54
CA LYS A 90 14.98 17.48 7.83
C LYS A 90 15.09 17.22 6.34
N LEU A 91 14.41 18.04 5.54
CA LEU A 91 14.54 18.01 4.08
C LEU A 91 15.74 18.88 3.73
N TYR A 92 16.63 18.32 2.91
CA TYR A 92 17.77 19.05 2.33
C TYR A 92 17.56 19.53 0.90
N GLY A 93 16.79 18.78 0.13
CA GLY A 93 16.53 19.14 -1.24
C GLY A 93 15.83 18.06 -2.00
N ALA A 94 15.72 18.29 -3.30
CA ALA A 94 15.08 17.34 -4.20
C ALA A 94 15.66 17.40 -5.59
N CYS A 95 15.62 16.25 -6.27
CA CYS A 95 15.85 16.17 -7.71
C CYS A 95 14.48 15.89 -8.31
N SER A 96 13.90 16.89 -8.97
CA SER A 96 12.54 16.84 -9.49
C SER A 96 12.40 16.99 -11.01
N GLN A 97 13.49 17.36 -11.70
CA GLN A 97 13.45 17.74 -13.11
C GLN A 97 14.14 16.66 -13.92
N ASP A 98 13.52 16.30 -15.05
CA ASP A 98 14.14 15.41 -16.06
C ASP A 98 14.56 14.05 -15.49
N GLY A 99 13.65 13.43 -14.73
CA GLY A 99 13.94 12.15 -14.07
C GLY A 99 13.03 11.82 -12.91
N PRO A 100 13.31 10.73 -12.19
CA PRO A 100 12.47 10.40 -11.03
C PRO A 100 12.60 11.43 -9.90
N LEU A 101 11.49 11.64 -9.18
CA LEU A 101 11.44 12.55 -8.03
C LEU A 101 12.19 11.90 -6.88
N LEU A 102 13.25 12.57 -6.42
CA LEU A 102 14.09 12.08 -5.32
C LEU A 102 14.08 13.14 -4.25
N LEU A 103 13.67 12.77 -3.02
CA LEU A 103 13.64 13.68 -1.89
C LEU A 103 14.83 13.35 -1.02
N ILE A 104 15.65 14.37 -0.74
CA ILE A 104 16.91 14.21 -0.02
C ILE A 104 16.71 14.70 1.41
N VAL A 105 16.89 13.80 2.36
CA VAL A 105 16.65 14.06 3.78
C VAL A 105 17.81 13.61 4.65
N GLU A 106 17.75 14.04 5.91
CA GLU A 106 18.73 13.64 6.91
C GLU A 106 18.73 12.12 7.12
N TYR A 107 19.92 11.57 7.20
CA TYR A 107 20.11 10.14 7.44
C TYR A 107 19.97 9.84 8.93
N ALA A 108 19.19 8.81 9.27
CA ALA A 108 19.00 8.37 10.65
C ALA A 108 19.74 7.06 10.89
N LYS A 109 20.89 7.14 11.54
CA LYS A 109 21.82 5.99 11.64
C LYS A 109 21.29 4.74 12.34
N TYR A 110 20.35 4.90 13.27
CA TYR A 110 19.74 3.77 13.98
C TYR A 110 18.46 3.22 13.35
N GLY A 111 18.02 3.78 12.21
CA GLY A 111 16.79 3.33 11.54
C GLY A 111 15.51 3.73 12.25
N SER A 112 14.45 2.94 12.06
CA SER A 112 13.16 3.22 12.67
C SER A 112 13.20 2.95 14.17
N LEU A 113 12.37 3.68 14.91
CA LEU A 113 12.22 3.45 16.35
C LEU A 113 11.73 2.04 16.63
N ARG A 114 10.77 1.53 15.86
CA ARG A 114 10.33 0.12 15.98
C ARG A 114 11.52 -0.83 15.88
N GLY A 115 12.35 -0.65 14.85
CA GLY A 115 13.51 -1.50 14.64
C GLY A 115 14.56 -1.39 15.73
N PHE A 116 14.80 -0.15 16.17
CA PHE A 116 15.77 0.12 17.23
C PHE A 116 15.34 -0.52 18.56
N LEU A 117 14.05 -0.41 18.89
CA LEU A 117 13.52 -1.03 20.11
C LEU A 117 13.49 -2.55 20.04
N ARG A 118 13.14 -3.10 18.88
CA ARG A 118 13.20 -4.56 18.68
C ARG A 118 14.63 -5.12 18.79
N GLU A 119 15.60 -4.39 18.25
CA GLU A 119 17.02 -4.73 18.46
C GLU A 119 17.43 -4.74 19.94
N SER A 120 16.89 -3.78 20.72
CA SER A 120 17.18 -3.71 22.17
C SER A 120 16.83 -4.96 23.00
N ARG A 121 15.91 -5.79 22.48
CA ARG A 121 15.61 -7.11 23.06
C ARG A 121 16.75 -8.14 22.95
N LYS A 122 17.58 -8.03 21.90
CA LYS A 122 18.64 -8.99 21.57
C LYS A 122 20.08 -8.44 21.56
N VAL A 123 20.23 -7.11 21.48
CA VAL A 123 21.53 -6.42 21.40
C VAL A 123 21.80 -5.82 22.78
N GLY A 124 22.90 -6.24 23.39
CA GLY A 124 23.35 -5.73 24.66
C GLY A 124 23.83 -4.26 24.55
N PRO A 125 23.88 -3.49 25.66
CA PRO A 125 23.43 -3.93 26.99
C PRO A 125 21.93 -4.19 27.11
N GLY A 126 21.15 -3.64 26.17
CA GLY A 126 19.74 -3.92 26.03
C GLY A 126 18.95 -3.04 26.97
N TYR A 127 17.72 -3.47 27.24
CA TYR A 127 16.80 -2.74 28.09
C TYR A 127 17.05 -3.14 29.56
N LEU A 128 17.25 -2.13 30.41
CA LEU A 128 17.69 -2.30 31.81
C LEU A 128 16.65 -1.96 32.89
N GLY A 129 15.44 -1.57 32.50
CA GLY A 129 14.35 -1.29 33.45
C GLY A 129 14.49 0.06 34.12
N ASP A 143 26.60 2.02 25.55
CA ASP A 143 26.10 3.36 25.87
C ASP A 143 24.75 3.62 25.17
N GLU A 144 24.77 3.86 23.85
CA GLU A 144 23.52 4.13 23.09
C GLU A 144 22.74 2.84 22.75
N ARG A 145 23.31 1.67 23.03
CA ARG A 145 22.54 0.40 23.06
C ARG A 145 22.01 -0.02 24.45
N ALA A 146 22.25 0.81 25.48
CA ALA A 146 21.71 0.60 26.84
C ALA A 146 20.47 1.49 26.94
N LEU A 147 19.34 0.91 27.34
CA LEU A 147 18.07 1.64 27.45
C LEU A 147 17.45 1.45 28.82
N THR A 148 16.90 2.53 29.36
CA THR A 148 16.15 2.53 30.62
C THR A 148 14.76 3.08 30.32
N MET A 149 13.87 2.96 31.31
CA MET A 149 12.52 3.57 31.18
C MET A 149 12.61 5.10 31.00
N GLY A 150 13.57 5.73 31.68
CA GLY A 150 13.89 7.16 31.47
C GLY A 150 14.13 7.51 30.01
N ASP A 151 14.92 6.67 29.32
CA ASP A 151 15.14 6.83 27.87
C ASP A 151 13.88 6.71 27.02
N LEU A 152 13.05 5.72 27.33
CA LEU A 152 11.77 5.50 26.65
C LEU A 152 10.83 6.70 26.83
N ILE A 153 10.77 7.23 28.06
CA ILE A 153 9.99 8.46 28.34
C ILE A 153 10.55 9.65 27.52
N SER A 154 11.88 9.77 27.45
CA SER A 154 12.52 10.81 26.65
C SER A 154 12.15 10.71 25.16
N PHE A 155 12.15 9.49 24.62
CA PHE A 155 11.76 9.27 23.22
C PHE A 155 10.33 9.75 22.97
N ALA A 156 9.43 9.33 23.84
CA ALA A 156 8.01 9.75 23.77
C ALA A 156 7.86 11.26 23.84
N TRP A 157 8.62 11.90 24.74
CA TRP A 157 8.61 13.37 24.91
C TRP A 157 9.09 14.09 23.65
N GLN A 158 10.19 13.63 23.08
CA GLN A 158 10.72 14.23 21.84
C GLN A 158 9.68 14.18 20.70
N ILE A 159 9.00 13.05 20.58
CA ILE A 159 7.97 12.86 19.56
C ILE A 159 6.79 13.79 19.84
N SER A 160 6.36 13.87 21.10
CA SER A 160 5.27 14.77 21.50
C SER A 160 5.58 16.24 21.21
N GLN A 161 6.83 16.64 21.44
CA GLN A 161 7.31 18.00 21.07
C GLN A 161 7.19 18.27 19.56
N GLY A 162 7.61 17.30 18.75
CA GLY A 162 7.44 17.36 17.29
C GLY A 162 5.98 17.49 16.88
N MET A 163 5.14 16.68 17.50
CA MET A 163 3.69 16.68 17.19
C MET A 163 2.98 17.95 17.63
N GLN A 164 3.39 18.50 18.77
CA GLN A 164 2.88 19.79 19.23
C GLN A 164 3.14 20.87 18.19
N TYR A 165 4.34 20.89 17.64
CA TYR A 165 4.68 21.86 16.58
C TYR A 165 3.86 21.61 15.29
N LEU A 166 3.77 20.35 14.87
CA LEU A 166 2.95 20.01 13.68
C LEU A 166 1.49 20.42 13.86
N ALA A 167 0.95 20.24 15.07
CA ALA A 167 -0.41 20.70 15.39
C ALA A 167 -0.53 22.22 15.30
N GLU A 168 0.48 22.95 15.77
CA GLU A 168 0.50 24.43 15.59
C GLU A 168 0.49 24.82 14.11
N MET A 169 1.19 24.01 13.30
CA MET A 169 1.22 24.19 11.85
C MET A 169 -0.03 23.72 11.11
N LYS A 170 -1.07 23.27 11.84
CA LYS A 170 -2.34 22.78 11.29
C LYS A 170 -2.12 21.63 10.31
N LEU A 171 -1.23 20.73 10.71
CA LEU A 171 -0.96 19.50 9.98
C LEU A 171 -1.39 18.34 10.85
N VAL A 172 -2.22 17.45 10.29
N VAL A 172 -2.16 17.43 10.27
CA VAL A 172 -2.51 16.16 10.90
CA VAL A 172 -2.49 16.17 10.91
C VAL A 172 -1.62 15.14 10.19
C VAL A 172 -1.65 15.12 10.20
N HIS A 173 -0.84 14.39 10.97
CA HIS A 173 0.11 13.42 10.42
C HIS A 173 -0.61 12.19 9.85
N ARG A 174 -1.60 11.68 10.61
CA ARG A 174 -2.47 10.52 10.29
C ARG A 174 -1.83 9.14 10.44
N ASP A 175 -0.54 9.02 10.19
CA ASP A 175 0.19 7.75 10.24
C ASP A 175 1.27 7.65 11.33
N LEU A 176 1.00 8.20 12.51
CA LEU A 176 1.97 8.17 13.61
C LEU A 176 2.08 6.72 14.12
N ALA A 177 3.29 6.19 14.11
CA ALA A 177 3.58 4.80 14.50
C ALA A 177 5.08 4.65 14.69
N ALA A 178 5.50 3.66 15.47
CA ALA A 178 6.94 3.46 15.74
C ALA A 178 7.76 3.19 14.47
N ARG A 179 7.16 2.54 13.46
CA ARG A 179 7.77 2.34 12.15
C ARG A 179 8.11 3.64 11.38
N ASN A 180 7.43 4.74 11.71
CA ASN A 180 7.56 6.05 11.09
C ASN A 180 8.25 7.11 11.93
N ILE A 181 8.84 6.70 13.06
CA ILE A 181 9.76 7.54 13.82
C ILE A 181 11.15 6.98 13.51
N LEU A 182 12.08 7.88 13.25
CA LEU A 182 13.47 7.55 12.99
C LEU A 182 14.29 7.91 14.22
N VAL A 183 15.38 7.17 14.42
CA VAL A 183 16.30 7.36 15.53
C VAL A 183 17.63 7.79 14.91
N ALA A 184 17.97 9.07 15.07
CA ALA A 184 19.16 9.65 14.46
C ALA A 184 20.33 9.71 15.47
N GLU A 185 21.45 10.23 15.00
CA GLU A 185 22.64 10.53 15.85
C GLU A 185 22.25 11.13 17.21
N GLY A 186 22.84 10.59 18.27
CA GLY A 186 22.49 10.93 19.64
C GLY A 186 21.16 10.37 20.12
N ARG A 187 20.64 9.35 19.42
CA ARG A 187 19.29 8.80 19.64
C ARG A 187 18.20 9.85 19.70
N LYS A 188 18.23 10.77 18.75
CA LYS A 188 17.24 11.84 18.64
C LYS A 188 16.12 11.36 17.73
N MET A 189 14.88 11.55 18.20
CA MET A 189 13.69 11.10 17.48
C MET A 189 13.39 12.04 16.34
N LYS A 190 13.03 11.50 15.18
CA LYS A 190 12.63 12.29 14.00
C LYS A 190 11.32 11.71 13.45
N ILE A 191 10.26 12.51 13.49
CA ILE A 191 9.00 12.13 12.85
C ILE A 191 9.25 12.13 11.34
N SER A 192 8.83 11.06 10.66
CA SER A 192 8.99 10.94 9.21
C SER A 192 7.66 10.46 8.60
N ASP A 193 7.70 10.23 7.29
CA ASP A 193 6.61 9.60 6.51
C ASP A 193 5.37 10.50 6.58
N PHE A 194 5.50 11.63 5.91
CA PHE A 194 4.42 12.62 5.78
C PHE A 194 3.50 12.39 4.57
N GLY A 195 3.59 11.24 3.90
CA GLY A 195 2.83 11.01 2.65
C GLY A 195 1.32 11.03 2.83
N LEU A 196 0.86 10.58 4.01
CA LEU A 196 -0.56 10.65 4.39
C LEU A 196 -1.00 11.90 5.15
N SER A 197 -0.09 12.82 5.45
N SER A 197 -0.09 12.83 5.45
CA SER A 197 -0.35 14.02 6.26
CA SER A 197 -0.38 14.01 6.26
C SER A 197 -1.19 15.00 5.46
C SER A 197 -1.21 15.00 5.45
N ARG A 198 -2.07 15.73 6.15
CA ARG A 198 -3.01 16.65 5.51
C ARG A 198 -3.10 17.95 6.31
N ASP A 199 -3.30 19.04 5.57
CA ASP A 199 -3.51 20.37 6.13
C ASP A 199 -4.96 20.38 6.70
N VAL A 200 -5.14 20.97 7.87
CA VAL A 200 -6.49 21.21 8.46
C VAL A 200 -6.77 22.69 8.78
N TYR A 201 -6.05 23.61 8.17
CA TYR A 201 -6.23 25.05 8.48
C TYR A 201 -7.69 25.53 8.40
N GLU A 202 -8.45 25.03 7.42
CA GLU A 202 -9.80 25.55 7.14
C GLU A 202 -10.87 25.21 8.22
N GLU A 203 -10.90 23.97 8.72
CA GLU A 203 -11.95 23.50 9.67
C GLU A 203 -11.44 22.73 10.92
N ASP A 204 -10.12 22.71 11.16
CA ASP A 204 -9.47 21.83 12.14
C ASP A 204 -9.78 20.31 12.00
N SER A 205 -10.15 19.88 10.79
CA SER A 205 -10.34 18.45 10.49
C SER A 205 -10.04 18.17 9.02
N TYR A 206 -9.61 16.94 8.75
CA TYR A 206 -9.50 16.42 7.41
C TYR A 206 -10.49 15.26 7.33
N VAL A 207 -11.31 15.27 6.28
CA VAL A 207 -12.29 14.22 6.04
C VAL A 207 -12.11 13.69 4.62
N LYS A 208 -12.19 12.37 4.50
CA LYS A 208 -12.03 11.66 3.25
C LYS A 208 -13.28 10.80 3.08
N ARG A 209 -13.95 10.92 1.93
CA ARG A 209 -15.09 10.06 1.60
C ARG A 209 -14.70 8.59 1.46
N SER A 210 -13.61 8.33 0.75
CA SER A 210 -13.10 6.96 0.54
C SER A 210 -12.37 6.42 1.77
N GLN A 211 -12.04 5.14 1.72
CA GLN A 211 -11.36 4.46 2.83
C GLN A 211 -9.90 4.89 2.87
N GLY A 212 -9.38 5.08 4.08
CA GLY A 212 -8.01 5.49 4.29
C GLY A 212 -7.03 4.33 4.15
N ARG A 213 -5.76 4.70 4.02
CA ARG A 213 -4.65 3.76 3.86
C ARG A 213 -3.77 3.66 5.12
N ILE A 214 -4.27 4.12 6.27
CA ILE A 214 -3.55 4.03 7.54
C ILE A 214 -3.90 2.66 8.09
N PRO A 215 -2.91 1.90 8.61
CA PRO A 215 -3.25 0.63 9.29
C PRO A 215 -4.32 0.79 10.38
N VAL A 216 -5.30 -0.10 10.36
CA VAL A 216 -6.48 -0.03 11.26
C VAL A 216 -6.08 0.10 12.73
N LYS A 217 -5.07 -0.66 13.14
CA LYS A 217 -4.66 -0.71 14.55
C LYS A 217 -4.07 0.56 15.15
N TRP A 218 -3.74 1.55 14.31
CA TRP A 218 -3.30 2.87 14.77
C TRP A 218 -4.35 3.96 14.65
N MET A 219 -5.52 3.64 14.11
CA MET A 219 -6.56 4.63 13.81
C MET A 219 -7.44 4.94 15.00
N ALA A 220 -7.71 6.24 15.21
CA ALA A 220 -8.73 6.64 16.17
C ALA A 220 -10.10 6.07 15.81
N ILE A 221 -10.92 5.80 16.82
CA ILE A 221 -12.30 5.31 16.59
C ILE A 221 -13.11 6.17 15.58
N GLU A 222 -13.06 7.49 15.70
CA GLU A 222 -13.76 8.40 14.78
C GLU A 222 -13.15 8.42 13.39
N SER A 223 -11.86 8.11 13.26
CA SER A 223 -11.26 7.95 11.93
C SER A 223 -11.75 6.68 11.26
N LEU A 224 -11.79 5.59 12.02
CA LEU A 224 -12.21 4.28 11.52
C LEU A 224 -13.69 4.25 11.11
N PHE A 225 -14.56 4.78 11.97
CA PHE A 225 -16.00 4.81 11.73
C PHE A 225 -16.44 5.98 10.87
N ASP A 226 -15.95 7.17 11.18
CA ASP A 226 -16.50 8.41 10.61
C ASP A 226 -15.60 9.10 9.57
N HIS A 227 -14.38 8.59 9.36
CA HIS A 227 -13.40 9.16 8.42
C HIS A 227 -12.94 10.60 8.78
N ILE A 228 -12.95 10.93 10.06
CA ILE A 228 -12.57 12.24 10.60
C ILE A 228 -11.17 12.13 11.14
N TYR A 229 -10.28 13.02 10.70
CA TYR A 229 -8.90 13.09 11.17
C TYR A 229 -8.66 14.48 11.71
N THR A 230 -8.18 14.56 12.94
CA THR A 230 -7.84 15.84 13.58
C THR A 230 -6.53 15.63 14.34
N THR A 231 -6.02 16.69 14.95
CA THR A 231 -4.92 16.52 15.92
C THR A 231 -5.29 15.55 17.05
N GLN A 232 -6.57 15.50 17.45
CA GLN A 232 -6.99 14.53 18.48
C GLN A 232 -6.98 13.08 18.00
N SER A 233 -7.13 12.82 16.69
CA SER A 233 -6.91 11.47 16.16
C SER A 233 -5.41 11.13 16.09
N ASP A 234 -4.55 12.13 15.86
CA ASP A 234 -3.09 11.94 16.04
C ASP A 234 -2.75 11.61 17.50
N VAL A 235 -3.44 12.23 18.46
CA VAL A 235 -3.26 11.88 19.88
C VAL A 235 -3.59 10.40 20.15
N TRP A 236 -4.68 9.90 19.56
CA TRP A 236 -4.99 8.47 19.68
C TRP A 236 -3.81 7.63 19.19
N SER A 237 -3.35 7.93 17.98
CA SER A 237 -2.21 7.22 17.38
C SER A 237 -0.96 7.29 18.24
N PHE A 238 -0.72 8.49 18.82
CA PHE A 238 0.36 8.68 19.81
C PHE A 238 0.23 7.71 21.00
N GLY A 239 -0.98 7.47 21.50
CA GLY A 239 -1.18 6.47 22.53
C GLY A 239 -0.77 5.08 22.12
N VAL A 240 -1.09 4.70 20.87
CA VAL A 240 -0.68 3.40 20.35
C VAL A 240 0.87 3.38 20.25
N LEU A 241 1.46 4.48 19.81
CA LEU A 241 2.93 4.65 19.76
C LEU A 241 3.56 4.49 21.17
N LEU A 242 2.94 5.06 22.20
CA LEU A 242 3.39 4.87 23.59
C LEU A 242 3.43 3.40 23.99
N TRP A 243 2.36 2.68 23.64
CA TRP A 243 2.28 1.24 23.87
C TRP A 243 3.41 0.51 23.11
N GLU A 244 3.64 0.88 21.85
CA GLU A 244 4.77 0.31 21.07
C GLU A 244 6.12 0.57 21.72
N ILE A 245 6.31 1.78 22.27
CA ILE A 245 7.57 2.15 22.93
C ILE A 245 7.80 1.27 24.18
N VAL A 246 6.81 1.22 25.07
CA VAL A 246 7.01 0.52 26.37
C VAL A 246 7.12 -1.02 26.22
N THR A 247 6.54 -1.56 25.15
CA THR A 247 6.69 -2.99 24.82
C THR A 247 7.94 -3.29 23.96
N LEU A 248 8.81 -2.28 23.74
CA LEU A 248 10.04 -2.44 22.95
C LEU A 248 9.73 -2.91 21.52
N GLY A 249 8.79 -2.22 20.90
CA GLY A 249 8.35 -2.51 19.54
C GLY A 249 7.37 -3.65 19.39
N GLY A 250 6.46 -3.79 20.37
CA GLY A 250 5.38 -4.77 20.30
C GLY A 250 4.40 -4.48 19.19
N ASN A 251 3.63 -5.50 18.82
CA ASN A 251 2.60 -5.41 17.77
C ASN A 251 1.25 -5.14 18.46
N PRO A 252 0.61 -3.97 18.18
CA PRO A 252 -0.70 -3.64 18.81
C PRO A 252 -1.82 -4.66 18.58
N TYR A 253 -2.68 -4.82 19.59
CA TYR A 253 -3.81 -5.75 19.55
C TYR A 253 -3.36 -7.13 19.06
N PRO A 254 -2.33 -7.71 19.72
CA PRO A 254 -1.69 -8.92 19.19
C PRO A 254 -2.66 -10.08 18.99
N GLY A 255 -2.64 -10.65 17.79
CA GLY A 255 -3.50 -11.75 17.41
C GLY A 255 -4.95 -11.42 17.10
N ILE A 256 -5.33 -10.13 17.13
CA ILE A 256 -6.72 -9.71 16.90
C ILE A 256 -6.79 -9.26 15.44
N PRO A 257 -7.66 -9.90 14.60
CA PRO A 257 -7.79 -9.45 13.21
C PRO A 257 -8.30 -8.01 13.12
N PRO A 258 -7.83 -7.22 12.14
CA PRO A 258 -8.22 -5.79 12.09
C PRO A 258 -9.72 -5.53 11.95
N GLU A 259 -10.43 -6.40 11.22
CA GLU A 259 -11.90 -6.29 11.12
C GLU A 259 -12.63 -6.37 12.47
N ARG A 260 -12.04 -7.03 13.47
CA ARG A 260 -12.60 -7.04 14.84
C ARG A 260 -12.46 -5.73 15.62
N LEU A 261 -11.59 -4.80 15.18
CA LEU A 261 -11.40 -3.51 15.87
C LEU A 261 -12.64 -2.63 15.88
N PHE A 262 -13.46 -2.69 14.83
CA PHE A 262 -14.72 -1.91 14.83
C PHE A 262 -15.55 -2.22 16.09
N ASN A 263 -15.90 -3.50 16.28
CA ASN A 263 -16.66 -3.92 17.47
C ASN A 263 -15.88 -3.71 18.78
N LEU A 264 -14.61 -4.11 18.79
CA LEU A 264 -13.73 -4.01 19.98
C LEU A 264 -13.72 -2.58 20.53
N LEU A 265 -13.41 -1.62 19.67
CA LEU A 265 -13.32 -0.21 20.11
C LEU A 265 -14.68 0.39 20.47
N LYS A 266 -15.71 0.07 19.68
CA LYS A 266 -17.07 0.61 19.87
C LYS A 266 -17.68 0.18 21.23
N THR A 267 -17.34 -1.02 21.69
CA THR A 267 -17.76 -1.55 22.99
C THR A 267 -16.85 -1.15 24.18
N GLY A 268 -15.87 -0.28 23.94
CA GLY A 268 -15.03 0.31 24.99
C GLY A 268 -13.76 -0.45 25.33
N HIS A 269 -13.44 -1.52 24.60
CA HIS A 269 -12.22 -2.28 24.84
C HIS A 269 -11.01 -1.49 24.35
N ARG A 270 -9.93 -1.56 25.13
CA ARG A 270 -8.65 -0.95 24.80
C ARG A 270 -7.57 -1.96 25.18
N MET A 271 -6.37 -1.75 24.65
CA MET A 271 -5.22 -2.59 25.03
C MET A 271 -4.98 -2.51 26.54
N GLU A 272 -4.69 -3.66 27.13
CA GLU A 272 -4.42 -3.74 28.56
C GLU A 272 -3.04 -3.15 28.87
N ARG A 273 -2.82 -2.85 30.15
CA ARG A 273 -1.54 -2.36 30.61
C ARG A 273 -0.45 -3.40 30.32
N PRO A 274 0.54 -3.04 29.46
CA PRO A 274 1.57 -4.02 29.14
C PRO A 274 2.57 -4.21 30.28
N ASP A 275 3.35 -5.28 30.21
CA ASP A 275 4.53 -5.42 31.06
C ASP A 275 5.48 -4.29 30.67
N ASN A 276 6.18 -3.76 31.68
CA ASN A 276 7.07 -2.62 31.54
C ASN A 276 6.29 -1.30 31.35
N CYS A 277 5.28 -1.06 32.19
CA CYS A 277 4.47 0.16 32.08
C CYS A 277 3.96 0.58 33.45
N SER A 278 4.27 1.81 33.86
CA SER A 278 3.77 2.34 35.15
C SER A 278 2.28 2.64 35.06
N GLU A 279 1.68 2.84 36.23
CA GLU A 279 0.27 3.26 36.32
C GLU A 279 0.07 4.61 35.59
N GLU A 280 0.94 5.57 35.88
CA GLU A 280 0.91 6.91 35.24
C GLU A 280 1.02 6.89 33.72
N MET A 281 1.94 6.07 33.19
CA MET A 281 2.08 5.90 31.75
C MET A 281 0.84 5.27 31.14
N TYR A 282 0.27 4.26 31.80
CA TYR A 282 -0.93 3.59 31.30
C TYR A 282 -2.15 4.52 31.31
N ARG A 283 -2.28 5.33 32.37
CA ARG A 283 -3.32 6.36 32.46
C ARG A 283 -3.23 7.33 31.27
N LEU A 284 -2.01 7.72 30.88
CA LEU A 284 -1.79 8.57 29.71
C LEU A 284 -2.25 7.88 28.41
N MET A 285 -1.88 6.62 28.20
CA MET A 285 -2.38 5.83 27.04
C MET A 285 -3.90 5.79 27.00
N LEU A 286 -4.51 5.44 28.14
CA LEU A 286 -5.98 5.39 28.20
C LEU A 286 -6.64 6.74 27.92
N GLN A 287 -6.03 7.83 28.39
N GLN A 287 -6.03 7.84 28.36
CA GLN A 287 -6.51 9.19 28.09
CA GLN A 287 -6.56 9.16 28.08
C GLN A 287 -6.44 9.48 26.60
C GLN A 287 -6.44 9.50 26.59
N CYS A 288 -5.37 9.05 25.93
CA CYS A 288 -5.25 9.19 24.47
C CYS A 288 -6.28 8.39 23.67
N TRP A 289 -6.81 7.30 24.26
CA TRP A 289 -7.83 6.47 23.63
C TRP A 289 -9.27 6.71 24.11
N LYS A 290 -9.54 7.89 24.69
CA LYS A 290 -10.94 8.22 25.08
C LYS A 290 -11.80 8.28 23.83
N GLN A 291 -13.02 7.76 23.93
CA GLN A 291 -13.94 7.76 22.80
C GLN A 291 -14.18 9.17 22.27
N GLU A 292 -14.41 10.12 23.16
CA GLU A 292 -14.67 11.52 22.80
C GLU A 292 -13.32 12.23 22.55
N PRO A 293 -13.08 12.71 21.31
CA PRO A 293 -11.78 13.36 21.00
C PRO A 293 -11.43 14.55 21.90
N ASP A 294 -12.42 15.36 22.29
CA ASP A 294 -12.21 16.51 23.21
C ASP A 294 -11.80 16.15 24.65
N LYS A 295 -11.98 14.89 25.06
CA LYS A 295 -11.52 14.38 26.37
C LYS A 295 -10.08 13.89 26.38
N ARG A 296 -9.49 13.70 25.19
CA ARG A 296 -8.10 13.30 25.05
C ARG A 296 -7.22 14.50 25.36
N PRO A 297 -5.99 14.24 25.85
CA PRO A 297 -5.09 15.36 26.06
C PRO A 297 -4.65 15.96 24.73
N VAL A 298 -4.29 17.23 24.73
CA VAL A 298 -3.58 17.84 23.58
C VAL A 298 -2.09 17.57 23.72
N PHE A 299 -1.35 17.74 22.63
CA PHE A 299 0.09 17.43 22.65
C PHE A 299 0.88 18.27 23.67
N ALA A 300 0.51 19.53 23.86
CA ALA A 300 1.14 20.35 24.92
C ALA A 300 1.04 19.72 26.32
N ASP A 301 -0.12 19.14 26.62
CA ASP A 301 -0.33 18.48 27.90
C ASP A 301 0.33 17.10 27.96
N ILE A 302 0.38 16.40 26.83
CA ILE A 302 1.13 15.13 26.76
C ILE A 302 2.61 15.38 27.10
N SER A 303 3.18 16.41 26.46
CA SER A 303 4.56 16.84 26.76
C SER A 303 4.78 17.12 28.23
N LYS A 304 3.86 17.86 28.85
CA LYS A 304 3.87 18.14 30.30
C LYS A 304 3.80 16.85 31.13
N ASP A 305 2.91 15.93 30.76
CA ASP A 305 2.77 14.66 31.49
C ASP A 305 4.07 13.85 31.47
N LEU A 306 4.72 13.80 30.30
CA LEU A 306 5.97 13.06 30.14
C LEU A 306 7.12 13.75 30.88
N GLU A 307 7.12 15.08 30.90
CA GLU A 307 8.07 15.85 31.74
C GLU A 307 7.97 15.54 33.23
N LYS A 308 6.73 15.50 33.74
CA LYS A 308 6.48 15.16 35.15
C LYS A 308 6.94 13.74 35.50
N MET A 309 6.79 12.81 34.56
CA MET A 309 7.28 11.42 34.74
C MET A 309 8.79 11.32 34.83
N MET A 310 9.48 12.06 33.97
CA MET A 310 10.95 12.12 33.96
C MET A 310 11.54 12.65 35.26
N VAL A 311 11.07 13.83 35.68
CA VAL A 311 11.57 14.52 36.87
C VAL A 311 11.37 13.71 38.16
N LYS A 312 10.23 13.03 38.27
CA LYS A 312 9.93 12.13 39.39
C LYS A 312 10.58 10.77 39.14
N GLY B 1 -19.33 4.02 9.42
CA GLY B 1 -19.21 4.40 7.97
C GLY B 1 -19.51 3.26 7.03
N PRO B 2 -19.25 3.45 5.71
CA PRO B 2 -19.53 2.39 4.74
C PRO B 2 -18.86 1.04 5.03
N LEU B 3 -17.59 1.07 5.47
CA LEU B 3 -16.88 -0.16 5.79
C LEU B 3 -17.41 -0.86 7.04
N SER B 4 -17.65 -0.12 8.12
CA SER B 4 -18.20 -0.71 9.36
C SER B 4 -19.57 -1.38 9.13
N LEU B 5 -20.41 -0.75 8.30
CA LEU B 5 -21.67 -1.37 7.82
C LEU B 5 -21.43 -2.69 7.09
N SER B 6 -20.46 -2.68 6.17
CA SER B 6 -20.12 -3.88 5.39
C SER B 6 -19.57 -5.01 6.24
N VAL B 7 -18.65 -4.69 7.16
CA VAL B 7 -18.02 -5.69 8.05
C VAL B 7 -19.07 -6.40 8.93
N ASP B 8 -19.90 -5.60 9.59
CA ASP B 8 -20.93 -6.13 10.48
C ASP B 8 -21.96 -7.02 9.75
N ALA B 9 -22.41 -6.56 8.59
CA ALA B 9 -23.28 -7.36 7.69
C ALA B 9 -22.62 -8.65 7.20
N PHE B 10 -21.32 -8.58 6.92
CA PHE B 10 -20.52 -9.75 6.52
C PHE B 10 -20.40 -10.78 7.65
N LYS B 11 -20.10 -10.30 8.86
CA LYS B 11 -20.00 -11.15 10.06
C LYS B 11 -21.35 -11.72 10.55
N ILE B 12 -22.45 -10.97 10.34
CA ILE B 12 -23.82 -11.40 10.69
C ILE B 12 -23.98 -11.56 12.21
N PRO B 16 -24.89 -19.19 3.86
CA PRO B 16 -25.06 -20.64 3.69
C PRO B 16 -24.43 -21.17 2.39
N LYS B 17 -24.74 -20.51 1.28
CA LYS B 17 -24.17 -20.82 -0.05
C LYS B 17 -22.64 -20.66 -0.11
N TRP B 18 -22.11 -19.66 0.63
CA TRP B 18 -20.70 -19.27 0.56
C TRP B 18 -19.88 -19.54 1.82
N GLU B 19 -20.50 -19.54 3.01
CA GLU B 19 -19.75 -19.71 4.26
C GLU B 19 -19.19 -21.14 4.36
N PHE B 20 -17.86 -21.25 4.46
CA PHE B 20 -17.17 -22.53 4.57
C PHE B 20 -16.73 -22.74 6.02
N PRO B 21 -17.01 -23.92 6.63
CA PRO B 21 -16.56 -24.15 8.01
C PRO B 21 -15.04 -24.05 8.16
N ARG B 22 -14.59 -23.20 9.09
CA ARG B 22 -13.15 -22.98 9.29
C ARG B 22 -12.40 -24.27 9.66
N LYS B 23 -13.04 -25.14 10.43
CA LYS B 23 -12.46 -26.46 10.79
C LYS B 23 -12.08 -27.35 9.59
N ASN B 24 -12.76 -27.15 8.44
CA ASN B 24 -12.51 -27.91 7.21
C ASN B 24 -11.43 -27.34 6.29
N LEU B 25 -10.79 -26.23 6.69
CA LEU B 25 -9.71 -25.60 5.93
C LEU B 25 -8.40 -25.78 6.69
N VAL B 26 -7.38 -26.31 5.99
CA VAL B 26 -6.03 -26.49 6.52
C VAL B 26 -5.11 -25.61 5.68
N LEU B 27 -4.69 -24.47 6.25
CA LEU B 27 -3.79 -23.53 5.55
C LEU B 27 -2.37 -24.09 5.45
N GLY B 28 -1.77 -23.92 4.27
CA GLY B 28 -0.46 -24.46 3.92
C GLY B 28 0.55 -23.36 3.68
N LYS B 29 1.45 -23.60 2.72
CA LYS B 29 2.56 -22.68 2.44
C LYS B 29 2.10 -21.39 1.76
N THR B 30 2.84 -20.32 2.01
CA THR B 30 2.57 -19.02 1.40
C THR B 30 2.97 -19.10 -0.08
N LEU B 31 2.04 -18.68 -0.96
CA LEU B 31 2.26 -18.63 -2.39
C LEU B 31 2.78 -17.24 -2.83
N GLY B 32 2.25 -16.19 -2.22
CA GLY B 32 2.69 -14.82 -2.47
C GLY B 32 2.22 -13.83 -1.41
N GLU B 33 2.99 -12.76 -1.25
CA GLU B 33 2.66 -11.64 -0.33
C GLU B 33 2.99 -10.31 -1.00
N GLY B 34 2.28 -9.25 -0.60
CA GLY B 34 2.48 -7.90 -1.15
C GLY B 34 1.40 -6.91 -0.75
N GLU B 35 1.29 -5.83 -1.51
CA GLU B 35 0.20 -4.83 -1.35
C GLU B 35 -1.20 -5.38 -1.69
N PHE B 36 -1.26 -6.37 -2.58
CA PHE B 36 -2.50 -7.16 -2.82
C PHE B 36 -3.04 -7.90 -1.58
N GLY B 37 -2.14 -8.31 -0.68
CA GLY B 37 -2.48 -9.00 0.57
C GLY B 37 -1.56 -10.21 0.74
N LYS B 38 -2.14 -11.34 1.13
CA LYS B 38 -1.41 -12.60 1.32
C LYS B 38 -2.25 -13.74 0.75
N VAL B 39 -1.63 -14.58 -0.08
CA VAL B 39 -2.28 -15.78 -0.65
C VAL B 39 -1.49 -17.00 -0.20
N VAL B 40 -2.20 -17.98 0.37
CA VAL B 40 -1.61 -19.25 0.82
C VAL B 40 -2.29 -20.42 0.11
N LYS B 41 -1.54 -21.50 -0.09
CA LYS B 41 -2.10 -22.76 -0.54
C LYS B 41 -2.83 -23.41 0.64
N ALA B 42 -3.91 -24.14 0.37
CA ALA B 42 -4.66 -24.86 1.40
C ALA B 42 -5.38 -26.07 0.85
N THR B 43 -5.85 -26.94 1.76
CA THR B 43 -6.77 -28.02 1.43
C THR B 43 -8.09 -27.75 2.14
N ALA B 44 -9.18 -28.08 1.47
CA ALA B 44 -10.54 -27.80 1.94
C ALA B 44 -11.36 -29.09 1.88
N PHE B 45 -11.84 -29.55 3.03
CA PHE B 45 -12.63 -30.77 3.12
C PHE B 45 -14.09 -30.45 2.82
N HIS B 46 -14.71 -31.21 1.91
CA HIS B 46 -16.14 -31.05 1.58
C HIS B 46 -16.48 -29.62 1.14
N LEU B 47 -15.71 -29.15 0.17
CA LEU B 47 -15.85 -27.80 -0.38
C LEU B 47 -16.88 -27.83 -1.50
N LYS B 48 -17.97 -27.08 -1.34
CA LYS B 48 -19.08 -26.99 -2.33
C LYS B 48 -19.53 -28.37 -2.84
N GLY B 49 -19.86 -29.24 -1.89
CA GLY B 49 -20.33 -30.60 -2.18
C GLY B 49 -19.35 -31.60 -2.78
N ARG B 50 -18.04 -31.28 -2.81
CA ARG B 50 -17.02 -32.16 -3.42
C ARG B 50 -16.48 -33.13 -2.39
N ALA B 51 -16.25 -34.36 -2.81
CA ALA B 51 -15.72 -35.41 -1.93
C ALA B 51 -14.27 -35.14 -1.54
N GLY B 52 -13.92 -35.53 -0.32
CA GLY B 52 -12.56 -35.46 0.19
C GLY B 52 -12.03 -34.04 0.27
N TYR B 53 -10.73 -33.90 0.01
CA TYR B 53 -10.00 -32.62 0.06
C TYR B 53 -9.84 -32.02 -1.34
N THR B 54 -10.15 -30.73 -1.45
CA THR B 54 -9.90 -29.93 -2.65
C THR B 54 -8.75 -28.99 -2.35
N THR B 55 -7.71 -29.00 -3.20
CA THR B 55 -6.61 -28.05 -3.10
C THR B 55 -7.12 -26.67 -3.58
N VAL B 56 -6.88 -25.65 -2.76
CA VAL B 56 -7.37 -24.28 -3.01
C VAL B 56 -6.28 -23.26 -2.72
N ALA B 57 -6.53 -22.02 -3.14
CA ALA B 57 -5.79 -20.86 -2.67
C ALA B 57 -6.71 -20.05 -1.75
N VAL B 58 -6.09 -19.38 -0.78
CA VAL B 58 -6.82 -18.59 0.21
C VAL B 58 -6.22 -17.21 0.26
N LYS B 59 -7.04 -16.19 0.03
CA LYS B 59 -6.61 -14.78 0.13
C LYS B 59 -7.04 -14.21 1.48
N MET B 60 -6.11 -13.49 2.11
CA MET B 60 -6.32 -12.85 3.41
C MET B 60 -5.57 -11.52 3.45
N LEU B 61 -5.87 -10.74 4.48
CA LEU B 61 -5.21 -9.44 4.66
C LEU B 61 -3.77 -9.65 5.11
N LYS B 62 -2.87 -8.79 4.61
CA LYS B 62 -1.49 -8.72 5.11
C LYS B 62 -1.49 -8.12 6.52
N GLU B 63 -0.33 -8.20 7.20
CA GLU B 63 -0.16 -7.55 8.51
C GLU B 63 -0.31 -6.02 8.38
N ASN B 64 -0.89 -5.41 9.41
CA ASN B 64 -1.15 -3.95 9.44
C ASN B 64 -2.03 -3.45 8.28
N ALA B 65 -3.09 -4.21 8.01
CA ALA B 65 -4.01 -3.86 6.94
C ALA B 65 -4.76 -2.58 7.26
N SER B 66 -4.99 -1.77 6.21
CA SER B 66 -5.73 -0.52 6.29
C SER B 66 -7.21 -0.78 5.99
N PRO B 67 -8.10 0.20 6.29
CA PRO B 67 -9.50 0.13 5.83
C PRO B 67 -9.67 -0.12 4.33
N SER B 68 -8.86 0.55 3.51
N SER B 68 -8.87 0.56 3.51
N SER B 68 -8.86 0.55 3.51
CA SER B 68 -8.86 0.34 2.05
CA SER B 68 -8.86 0.34 2.05
CA SER B 68 -8.85 0.37 2.07
C SER B 68 -8.62 -1.12 1.65
C SER B 68 -8.63 -1.11 1.66
C SER B 68 -8.61 -1.09 1.64
N GLU B 69 -7.68 -1.78 2.32
CA GLU B 69 -7.39 -3.21 2.05
C GLU B 69 -8.52 -4.15 2.47
N LEU B 70 -9.12 -3.88 3.63
CA LEU B 70 -10.31 -4.62 4.08
C LEU B 70 -11.50 -4.41 3.13
N ARG B 71 -11.76 -3.15 2.75
CA ARG B 71 -12.81 -2.82 1.77
C ARG B 71 -12.59 -3.54 0.43
N ASP B 72 -11.34 -3.54 -0.05
CA ASP B 72 -10.99 -4.26 -1.30
C ASP B 72 -11.29 -5.76 -1.23
N LEU B 73 -10.96 -6.41 -0.11
CA LEU B 73 -11.17 -7.86 0.04
C LEU B 73 -12.67 -8.19 0.07
N LEU B 74 -13.44 -7.40 0.83
CA LEU B 74 -14.92 -7.52 0.84
C LEU B 74 -15.53 -7.25 -0.54
N SER B 75 -14.97 -6.27 -1.25
CA SER B 75 -15.39 -6.00 -2.64
C SER B 75 -15.12 -7.17 -3.57
N GLU B 76 -13.97 -7.83 -3.43
CA GLU B 76 -13.67 -9.04 -4.22
C GLU B 76 -14.68 -10.16 -4.00
N PHE B 77 -15.05 -10.38 -2.75
CA PHE B 77 -16.08 -11.36 -2.41
C PHE B 77 -17.41 -11.02 -3.09
N ASN B 78 -17.83 -9.76 -2.99
CA ASN B 78 -19.07 -9.25 -3.62
C ASN B 78 -19.11 -9.45 -5.13
N VAL B 79 -18.00 -9.12 -5.79
CA VAL B 79 -17.85 -9.31 -7.24
C VAL B 79 -17.83 -10.80 -7.61
N LEU B 80 -16.96 -11.57 -6.96
CA LEU B 80 -16.72 -12.96 -7.34
C LEU B 80 -17.90 -13.91 -7.07
N LYS B 81 -18.78 -13.56 -6.12
CA LYS B 81 -20.09 -14.20 -5.95
C LYS B 81 -20.95 -14.22 -7.22
N GLN B 82 -20.87 -13.14 -7.99
CA GLN B 82 -21.74 -12.89 -9.16
C GLN B 82 -21.19 -13.34 -10.52
N VAL B 83 -19.92 -13.77 -10.58
CA VAL B 83 -19.25 -14.10 -11.86
C VAL B 83 -18.88 -15.58 -11.93
N ASN B 84 -19.09 -16.17 -13.10
CA ASN B 84 -18.72 -17.55 -13.41
C ASN B 84 -18.26 -17.60 -14.86
N HIS B 85 -16.97 -17.83 -15.05
CA HIS B 85 -16.37 -17.95 -16.37
C HIS B 85 -15.09 -18.79 -16.27
N PRO B 86 -14.78 -19.66 -17.28
CA PRO B 86 -13.56 -20.49 -17.22
C PRO B 86 -12.19 -19.79 -17.08
N HIS B 87 -12.14 -18.50 -17.43
CA HIS B 87 -10.97 -17.64 -17.35
C HIS B 87 -11.07 -16.46 -16.37
N VAL B 88 -12.02 -16.55 -15.42
CA VAL B 88 -12.08 -15.72 -14.22
C VAL B 88 -11.90 -16.67 -13.03
N ILE B 89 -11.07 -16.28 -12.08
CA ILE B 89 -10.77 -17.13 -10.91
C ILE B 89 -12.07 -17.44 -10.15
N LYS B 90 -12.27 -18.72 -9.81
CA LYS B 90 -13.52 -19.20 -9.23
C LYS B 90 -13.50 -19.03 -7.72
N LEU B 91 -14.51 -18.34 -7.18
CA LEU B 91 -14.74 -18.28 -5.73
C LEU B 91 -15.46 -19.56 -5.29
N TYR B 92 -14.93 -20.23 -4.26
CA TYR B 92 -15.57 -21.38 -3.62
C TYR B 92 -16.26 -21.05 -2.28
N GLY B 93 -15.77 -20.05 -1.57
CA GLY B 93 -16.38 -19.61 -0.32
C GLY B 93 -15.56 -18.64 0.49
N ALA B 94 -16.00 -18.42 1.73
CA ALA B 94 -15.31 -17.55 2.67
C ALA B 94 -15.46 -18.07 4.11
N CYS B 95 -14.48 -17.70 4.94
CA CYS B 95 -14.53 -17.93 6.39
C CYS B 95 -14.60 -16.55 7.03
N SER B 96 -15.77 -16.21 7.57
CA SER B 96 -16.06 -14.92 8.20
C SER B 96 -16.29 -14.98 9.72
N GLN B 97 -16.28 -16.19 10.30
CA GLN B 97 -16.71 -16.43 11.69
C GLN B 97 -15.61 -16.91 12.66
N ASP B 98 -14.38 -17.13 12.18
CA ASP B 98 -13.31 -17.76 12.97
C ASP B 98 -11.97 -17.16 12.60
N GLY B 99 -11.48 -16.22 13.42
CA GLY B 99 -10.20 -15.56 13.15
C GLY B 99 -10.27 -14.63 11.94
N PRO B 100 -9.15 -14.45 11.22
CA PRO B 100 -9.13 -13.52 10.07
C PRO B 100 -10.09 -13.88 8.93
N LEU B 101 -10.56 -12.87 8.21
CA LEU B 101 -11.37 -13.04 7.00
C LEU B 101 -10.54 -13.76 5.92
N LEU B 102 -11.08 -14.88 5.40
CA LEU B 102 -10.44 -15.66 4.35
C LEU B 102 -11.37 -15.82 3.17
N LEU B 103 -10.86 -15.60 1.94
CA LEU B 103 -11.59 -15.93 0.71
C LEU B 103 -10.93 -17.16 0.07
N ILE B 104 -11.76 -18.14 -0.26
CA ILE B 104 -11.30 -19.45 -0.77
C ILE B 104 -11.61 -19.49 -2.26
N VAL B 105 -10.56 -19.66 -3.07
CA VAL B 105 -10.65 -19.65 -4.52
C VAL B 105 -9.92 -20.85 -5.11
N GLU B 106 -10.12 -21.07 -6.42
CA GLU B 106 -9.42 -22.16 -7.11
C GLU B 106 -7.90 -21.92 -7.11
N TYR B 107 -7.16 -23.02 -7.00
CA TYR B 107 -5.70 -23.02 -6.97
C TYR B 107 -5.15 -22.97 -8.41
N ALA B 108 -4.20 -22.08 -8.66
CA ALA B 108 -3.48 -21.97 -9.94
C ALA B 108 -2.05 -22.48 -9.79
N LYS B 109 -1.80 -23.72 -10.20
CA LYS B 109 -0.52 -24.41 -9.89
C LYS B 109 0.77 -23.77 -10.44
N TYR B 110 0.67 -23.05 -11.56
CA TYR B 110 1.83 -22.34 -12.15
C TYR B 110 2.01 -20.88 -11.71
N GLY B 111 1.14 -20.39 -10.81
CA GLY B 111 1.29 -19.05 -10.22
C GLY B 111 0.84 -17.97 -11.17
N SER B 112 1.41 -16.77 -11.02
CA SER B 112 1.08 -15.63 -11.89
C SER B 112 1.63 -15.84 -13.31
N LEU B 113 0.96 -15.24 -14.29
CA LEU B 113 1.40 -15.27 -15.69
C LEU B 113 2.77 -14.61 -15.87
N ARG B 114 3.01 -13.50 -15.16
CA ARG B 114 4.32 -12.82 -15.16
C ARG B 114 5.45 -13.76 -14.71
N GLY B 115 5.23 -14.43 -13.58
CA GLY B 115 6.17 -15.44 -13.07
C GLY B 115 6.37 -16.63 -14.00
N PHE B 116 5.26 -17.15 -14.54
CA PHE B 116 5.25 -18.29 -15.49
C PHE B 116 6.01 -17.99 -16.79
N LEU B 117 5.77 -16.81 -17.35
CA LEU B 117 6.49 -16.37 -18.56
C LEU B 117 7.98 -16.08 -18.31
N ARG B 118 8.30 -15.47 -17.17
CA ARG B 118 9.69 -15.17 -16.79
C ARG B 118 10.58 -16.40 -16.58
N GLU B 119 10.04 -17.45 -15.97
CA GLU B 119 10.75 -18.74 -15.83
C GLU B 119 10.94 -19.48 -17.18
N SER B 120 10.03 -19.25 -18.14
CA SER B 120 10.13 -19.83 -19.49
C SER B 120 11.30 -19.26 -20.30
N LEU B 147 7.70 -22.33 -24.69
CA LEU B 147 6.44 -21.80 -25.21
C LEU B 147 6.57 -21.29 -26.66
N THR B 148 5.61 -21.66 -27.50
CA THR B 148 5.51 -21.13 -28.87
C THR B 148 4.67 -19.85 -28.90
N MET B 149 4.70 -19.16 -30.04
CA MET B 149 3.85 -17.98 -30.27
C MET B 149 2.36 -18.31 -30.30
N GLY B 150 2.01 -19.54 -30.74
CA GLY B 150 0.65 -20.06 -30.64
C GLY B 150 0.12 -20.17 -29.21
N ASP B 151 0.98 -20.56 -28.27
CA ASP B 151 0.63 -20.60 -26.83
C ASP B 151 0.40 -19.20 -26.28
N LEU B 152 1.29 -18.26 -26.60
CA LEU B 152 1.17 -16.84 -26.20
C LEU B 152 -0.10 -16.16 -26.74
N ILE B 153 -0.45 -16.46 -27.99
CA ILE B 153 -1.71 -16.01 -28.60
C ILE B 153 -2.92 -16.66 -27.92
N SER B 154 -2.83 -17.95 -27.59
CA SER B 154 -3.86 -18.64 -26.80
C SER B 154 -4.07 -18.01 -25.42
N PHE B 155 -2.97 -17.64 -24.75
CA PHE B 155 -3.03 -16.97 -23.43
C PHE B 155 -3.74 -15.62 -23.51
N ALA B 156 -3.38 -14.82 -24.52
CA ALA B 156 -4.06 -13.55 -24.80
C ALA B 156 -5.56 -13.74 -25.07
N TRP B 157 -5.89 -14.76 -25.87
CA TRP B 157 -7.30 -15.05 -26.24
C TRP B 157 -8.15 -15.42 -25.04
N GLN B 158 -7.65 -16.33 -24.20
CA GLN B 158 -8.31 -16.75 -22.96
C GLN B 158 -8.62 -15.56 -22.04
N ILE B 159 -7.64 -14.65 -21.90
CA ILE B 159 -7.82 -13.42 -21.08
C ILE B 159 -8.86 -12.49 -21.72
N SER B 160 -8.77 -12.28 -23.03
CA SER B 160 -9.77 -11.51 -23.77
C SER B 160 -11.20 -12.05 -23.65
N GLN B 161 -11.35 -13.38 -23.67
CA GLN B 161 -12.65 -14.06 -23.42
C GLN B 161 -13.21 -13.74 -22.05
N GLY B 162 -12.37 -13.87 -21.02
CA GLY B 162 -12.70 -13.46 -19.65
C GLY B 162 -13.11 -12.01 -19.54
N MET B 163 -12.35 -11.13 -20.22
CA MET B 163 -12.64 -9.68 -20.22
C MET B 163 -13.90 -9.30 -20.97
N GLN B 164 -14.15 -9.97 -22.09
CA GLN B 164 -15.41 -9.83 -22.84
C GLN B 164 -16.61 -10.17 -21.95
N TYR B 165 -16.50 -11.27 -21.18
CA TYR B 165 -17.52 -11.65 -20.21
C TYR B 165 -17.71 -10.60 -19.11
N LEU B 166 -16.62 -10.12 -18.51
CA LEU B 166 -16.70 -9.10 -17.45
C LEU B 166 -17.27 -7.77 -17.95
N ALA B 167 -16.87 -7.37 -19.16
CA ALA B 167 -17.42 -6.19 -19.85
C ALA B 167 -18.94 -6.31 -20.09
N GLU B 168 -19.38 -7.48 -20.52
CA GLU B 168 -20.83 -7.79 -20.66
C GLU B 168 -21.61 -7.77 -19.33
N MET B 169 -20.95 -8.15 -18.23
CA MET B 169 -21.49 -8.00 -16.86
C MET B 169 -21.41 -6.57 -16.26
N LYS B 170 -20.93 -5.59 -17.04
CA LYS B 170 -20.74 -4.19 -16.64
C LYS B 170 -19.74 -4.01 -15.49
N LEU B 171 -18.66 -4.80 -15.52
CA LEU B 171 -17.56 -4.69 -14.56
C LEU B 171 -16.31 -4.16 -15.25
N VAL B 172 -15.72 -3.11 -14.68
CA VAL B 172 -14.43 -2.55 -15.09
C VAL B 172 -13.43 -3.12 -14.09
N HIS B 173 -12.47 -3.91 -14.58
CA HIS B 173 -11.47 -4.55 -13.71
C HIS B 173 -10.47 -3.54 -13.11
N ARG B 174 -9.98 -2.61 -13.94
CA ARG B 174 -9.03 -1.51 -13.58
C ARG B 174 -7.54 -1.88 -13.42
N ASP B 175 -7.27 -3.06 -12.88
CA ASP B 175 -5.90 -3.56 -12.62
C ASP B 175 -5.43 -4.75 -13.49
N LEU B 176 -5.75 -4.74 -14.80
CA LEU B 176 -5.22 -5.76 -15.73
C LEU B 176 -3.71 -5.65 -15.88
N ALA B 177 -3.02 -6.75 -15.57
CA ALA B 177 -1.57 -6.87 -15.72
C ALA B 177 -1.18 -8.34 -15.59
N ALA B 178 0.00 -8.69 -16.10
CA ALA B 178 0.48 -10.08 -16.09
C ALA B 178 0.63 -10.67 -14.67
N ARG B 179 1.00 -9.83 -13.71
CA ARG B 179 1.02 -10.20 -12.27
C ARG B 179 -0.36 -10.62 -11.69
N ASN B 180 -1.44 -10.09 -12.26
CA ASN B 180 -2.84 -10.37 -11.85
C ASN B 180 -3.59 -11.41 -12.70
N ILE B 181 -2.92 -12.02 -13.68
CA ILE B 181 -3.43 -13.20 -14.38
C ILE B 181 -2.73 -14.40 -13.77
N LEU B 182 -3.49 -15.47 -13.51
CA LEU B 182 -2.97 -16.71 -12.93
C LEU B 182 -2.97 -17.81 -13.99
N VAL B 183 -2.06 -18.77 -13.81
CA VAL B 183 -1.85 -19.87 -14.77
C VAL B 183 -2.17 -21.15 -14.01
N ALA B 184 -3.33 -21.73 -14.31
CA ALA B 184 -3.84 -22.94 -13.66
C ALA B 184 -3.49 -24.19 -14.46
N GLU B 185 -3.92 -25.36 -13.95
CA GLU B 185 -3.76 -26.67 -14.62
C GLU B 185 -4.22 -26.64 -16.10
N GLY B 186 -3.41 -27.24 -16.96
CA GLY B 186 -3.59 -27.16 -18.42
C GLY B 186 -3.16 -25.84 -19.07
N ARG B 187 -2.35 -25.04 -18.34
CA ARG B 187 -1.97 -23.68 -18.74
C ARG B 187 -3.18 -22.78 -19.06
N LYS B 188 -4.18 -22.83 -18.18
CA LYS B 188 -5.44 -22.10 -18.35
C LYS B 188 -5.32 -20.76 -17.63
N MET B 189 -5.63 -19.68 -18.35
CA MET B 189 -5.54 -18.31 -17.80
C MET B 189 -6.72 -18.04 -16.88
N LYS B 190 -6.47 -17.37 -15.75
CA LYS B 190 -7.52 -16.96 -14.81
C LYS B 190 -7.27 -15.51 -14.40
N ILE B 191 -8.22 -14.63 -14.70
CA ILE B 191 -8.19 -13.24 -14.25
C ILE B 191 -8.49 -13.24 -12.76
N SER B 192 -7.66 -12.51 -12.00
CA SER B 192 -7.78 -12.40 -10.55
C SER B 192 -7.65 -10.93 -10.14
N ASP B 193 -7.68 -10.70 -8.83
CA ASP B 193 -7.37 -9.41 -8.19
C ASP B 193 -8.41 -8.39 -8.61
N PHE B 194 -9.61 -8.61 -8.08
CA PHE B 194 -10.77 -7.75 -8.30
C PHE B 194 -10.92 -6.63 -7.26
N GLY B 195 -9.90 -6.39 -6.42
CA GLY B 195 -9.95 -5.40 -5.35
C GLY B 195 -10.15 -3.95 -5.78
N LEU B 196 -9.67 -3.61 -6.99
CA LEU B 196 -9.84 -2.27 -7.57
C LEU B 196 -11.01 -2.18 -8.57
N SER B 197 -11.75 -3.26 -8.80
CA SER B 197 -12.79 -3.29 -9.82
C SER B 197 -14.01 -2.45 -9.41
N ARG B 198 -14.73 -1.96 -10.43
CA ARG B 198 -15.90 -1.08 -10.24
C ARG B 198 -17.02 -1.48 -11.19
N ASP B 199 -18.26 -1.34 -10.75
CA ASP B 199 -19.44 -1.48 -11.63
C ASP B 199 -19.61 -0.23 -12.51
N VAL B 200 -20.03 -0.41 -13.75
CA VAL B 200 -20.31 0.69 -14.70
C VAL B 200 -21.73 0.53 -15.24
N GLN B 211 -6.08 7.99 -3.48
CA GLN B 211 -6.72 8.08 -4.79
C GLN B 211 -6.32 6.86 -5.68
N GLY B 212 -5.98 7.07 -6.97
CA GLY B 212 -5.64 5.98 -7.89
C GLY B 212 -4.49 5.09 -7.46
N ARG B 213 -4.77 3.80 -7.31
CA ARG B 213 -3.80 2.78 -6.87
C ARG B 213 -3.37 1.80 -7.96
N ILE B 214 -3.72 2.07 -9.22
CA ILE B 214 -3.27 1.27 -10.35
C ILE B 214 -1.90 1.84 -10.73
N PRO B 215 -0.89 0.97 -10.93
CA PRO B 215 0.42 1.46 -11.40
C PRO B 215 0.31 2.27 -12.70
N VAL B 216 1.01 3.40 -12.72
CA VAL B 216 0.98 4.38 -13.83
C VAL B 216 1.22 3.72 -15.20
N LYS B 217 2.17 2.79 -15.26
CA LYS B 217 2.56 2.15 -16.53
C LYS B 217 1.50 1.25 -17.20
N TRP B 218 0.47 0.86 -16.47
CA TRP B 218 -0.67 0.11 -17.03
C TRP B 218 -1.93 0.96 -17.29
N MET B 219 -1.91 2.24 -16.91
CA MET B 219 -3.09 3.11 -16.96
C MET B 219 -3.28 3.75 -18.33
N ALA B 220 -4.54 3.86 -18.73
CA ALA B 220 -4.93 4.65 -19.90
C ALA B 220 -4.69 6.14 -19.72
N ILE B 221 -4.50 6.84 -20.84
CA ILE B 221 -4.27 8.30 -20.84
C ILE B 221 -5.39 9.09 -20.13
N GLU B 222 -6.65 8.76 -20.42
CA GLU B 222 -7.81 9.39 -19.74
C GLU B 222 -7.88 9.08 -18.24
N SER B 223 -7.41 7.89 -17.85
CA SER B 223 -7.29 7.52 -16.44
C SER B 223 -6.23 8.35 -15.72
N LEU B 224 -5.08 8.53 -16.36
CA LEU B 224 -3.97 9.35 -15.83
C LEU B 224 -4.35 10.82 -15.66
N PHE B 225 -4.89 11.42 -16.72
CA PHE B 225 -5.19 12.86 -16.77
C PHE B 225 -6.56 13.28 -16.23
N ASP B 226 -7.60 12.48 -16.51
CA ASP B 226 -9.01 12.76 -16.10
C ASP B 226 -9.63 11.82 -15.05
N HIS B 227 -8.89 10.80 -14.58
CA HIS B 227 -9.34 9.87 -13.52
C HIS B 227 -10.57 9.02 -13.94
N ILE B 228 -10.74 8.81 -15.25
CA ILE B 228 -11.90 8.10 -15.84
C ILE B 228 -11.47 6.65 -16.08
N TYR B 229 -12.32 5.71 -15.66
CA TYR B 229 -12.11 4.27 -15.87
C TYR B 229 -13.33 3.64 -16.51
N THR B 230 -13.14 3.01 -17.67
CA THR B 230 -14.21 2.32 -18.41
C THR B 230 -13.67 0.99 -18.92
N THR B 231 -14.52 0.22 -19.60
CA THR B 231 -14.05 -0.96 -20.36
C THR B 231 -12.97 -0.59 -21.39
N GLN B 232 -13.07 0.60 -22.00
CA GLN B 232 -12.01 1.04 -22.93
C GLN B 232 -10.68 1.36 -22.26
N SER B 233 -10.66 1.76 -20.99
CA SER B 233 -9.38 1.85 -20.24
C SER B 233 -8.84 0.46 -19.86
N ASP B 234 -9.71 -0.52 -19.58
CA ASP B 234 -9.29 -1.94 -19.47
C ASP B 234 -8.63 -2.46 -20.75
N VAL B 235 -9.14 -2.03 -21.91
CA VAL B 235 -8.53 -2.36 -23.21
C VAL B 235 -7.10 -1.83 -23.32
N TRP B 236 -6.88 -0.58 -22.88
CA TRP B 236 -5.52 -0.01 -22.81
C TRP B 236 -4.60 -0.91 -21.99
N SER B 237 -5.03 -1.21 -20.76
CA SER B 237 -4.28 -2.11 -19.88
C SER B 237 -4.03 -3.47 -20.51
N PHE B 238 -5.04 -4.00 -21.22
CA PHE B 238 -4.88 -5.24 -21.99
C PHE B 238 -3.75 -5.15 -23.03
N GLY B 239 -3.65 -4.01 -23.72
CA GLY B 239 -2.52 -3.73 -24.61
C GLY B 239 -1.16 -3.85 -23.95
N VAL B 240 -1.06 -3.33 -22.71
CA VAL B 240 0.16 -3.42 -21.90
C VAL B 240 0.42 -4.90 -21.53
N LEU B 241 -0.61 -5.58 -21.06
CA LEU B 241 -0.58 -7.04 -20.82
C LEU B 241 -0.15 -7.86 -22.04
N LEU B 242 -0.61 -7.46 -23.23
CA LEU B 242 -0.21 -8.10 -24.50
C LEU B 242 1.29 -7.93 -24.76
N TRP B 243 1.79 -6.72 -24.50
CA TRP B 243 3.23 -6.41 -24.54
C TRP B 243 4.02 -7.27 -23.53
N GLU B 244 3.50 -7.41 -22.30
CA GLU B 244 4.09 -8.31 -21.28
C GLU B 244 4.16 -9.79 -21.72
N ILE B 245 3.12 -10.25 -22.43
CA ILE B 245 3.05 -11.63 -22.92
C ILE B 245 4.13 -11.90 -23.97
N VAL B 246 4.20 -11.05 -25.00
CA VAL B 246 5.17 -11.24 -26.11
C VAL B 246 6.65 -11.08 -25.69
N THR B 247 6.89 -10.20 -24.71
CA THR B 247 8.23 -10.04 -24.09
C THR B 247 8.59 -11.08 -23.00
N LEU B 248 7.71 -12.07 -22.76
CA LEU B 248 7.90 -13.13 -21.76
C LEU B 248 8.06 -12.56 -20.33
N GLY B 249 7.11 -11.70 -19.96
CA GLY B 249 7.08 -11.04 -18.67
C GLY B 249 8.05 -9.87 -18.54
N GLY B 250 8.17 -9.07 -19.60
CA GLY B 250 9.01 -7.88 -19.59
C GLY B 250 8.45 -6.76 -18.73
N ASN B 251 9.30 -5.79 -18.40
CA ASN B 251 8.91 -4.60 -17.62
C ASN B 251 8.53 -3.47 -18.58
N PRO B 252 7.25 -3.01 -18.60
CA PRO B 252 6.84 -1.93 -19.53
C PRO B 252 7.59 -0.62 -19.37
N TYR B 253 7.82 0.06 -20.51
CA TYR B 253 8.54 1.34 -20.58
C TYR B 253 9.89 1.29 -19.81
N PRO B 254 10.77 0.32 -20.14
CA PRO B 254 11.98 0.07 -19.34
C PRO B 254 12.95 1.25 -19.38
N GLY B 255 13.37 1.71 -18.19
CA GLY B 255 14.20 2.91 -18.06
C GLY B 255 13.47 4.25 -17.94
N ILE B 256 12.18 4.31 -18.29
CA ILE B 256 11.38 5.53 -18.20
C ILE B 256 10.68 5.50 -16.84
N PRO B 257 10.91 6.52 -15.97
CA PRO B 257 10.15 6.57 -14.72
C PRO B 257 8.69 7.03 -14.97
N PRO B 258 7.72 6.57 -14.13
CA PRO B 258 6.29 6.93 -14.33
C PRO B 258 5.97 8.43 -14.30
N GLU B 259 6.75 9.20 -13.53
CA GLU B 259 6.64 10.66 -13.50
C GLU B 259 7.00 11.37 -14.84
N ARG B 260 7.84 10.75 -15.67
CA ARG B 260 8.09 11.20 -17.08
C ARG B 260 7.12 10.63 -18.13
N LEU B 261 6.48 9.49 -17.84
CA LEU B 261 5.52 8.85 -18.76
C LEU B 261 4.26 9.66 -19.08
N PHE B 262 3.80 10.49 -18.14
CA PHE B 262 2.61 11.36 -18.30
C PHE B 262 2.68 12.21 -19.58
N ASN B 263 3.76 12.99 -19.70
CA ASN B 263 3.99 13.87 -20.86
C ASN B 263 4.29 13.10 -22.16
N LEU B 264 5.01 11.99 -22.06
CA LEU B 264 5.32 11.15 -23.23
C LEU B 264 4.07 10.54 -23.89
N LEU B 265 3.12 10.08 -23.07
CA LEU B 265 1.83 9.57 -23.56
C LEU B 265 0.92 10.65 -24.18
N LYS B 266 0.91 11.85 -23.58
CA LYS B 266 0.13 12.99 -24.11
C LYS B 266 0.62 13.47 -25.48
N THR B 267 1.95 13.53 -25.65
CA THR B 267 2.58 13.88 -26.94
C THR B 267 2.55 12.76 -28.01
N GLY B 268 2.07 11.56 -27.64
CA GLY B 268 1.76 10.47 -28.58
C GLY B 268 2.80 9.37 -28.71
N HIS B 269 3.77 9.31 -27.77
CA HIS B 269 4.79 8.26 -27.77
C HIS B 269 4.19 6.99 -27.19
N ARG B 270 4.52 5.86 -27.80
CA ARG B 270 4.14 4.53 -27.33
C ARG B 270 5.35 3.62 -27.39
N MET B 271 5.28 2.49 -26.69
CA MET B 271 6.34 1.48 -26.75
C MET B 271 6.50 0.95 -28.18
N GLU B 272 7.75 0.78 -28.61
CA GLU B 272 8.07 0.22 -29.93
C GLU B 272 7.74 -1.27 -30.01
N ARG B 273 7.73 -1.77 -31.24
CA ARG B 273 7.56 -3.19 -31.54
C ARG B 273 8.72 -3.98 -30.91
N PRO B 274 8.43 -4.86 -29.90
CA PRO B 274 9.52 -5.60 -29.26
C PRO B 274 10.04 -6.77 -30.10
N ASP B 275 11.10 -7.40 -29.59
CA ASP B 275 11.74 -8.55 -30.26
C ASP B 275 10.82 -9.77 -30.16
N ASN B 276 10.74 -10.54 -31.25
CA ASN B 276 9.86 -11.72 -31.38
C ASN B 276 8.36 -11.36 -31.26
N CYS B 277 7.96 -10.29 -31.95
CA CYS B 277 6.56 -9.83 -32.03
C CYS B 277 6.26 -9.51 -33.49
N SER B 278 5.21 -10.11 -34.05
CA SER B 278 4.79 -9.85 -35.43
C SER B 278 4.21 -8.44 -35.60
N GLU B 279 4.13 -8.02 -36.87
CA GLU B 279 3.53 -6.72 -37.23
C GLU B 279 2.03 -6.66 -36.91
N GLU B 280 1.34 -7.78 -37.12
CA GLU B 280 -0.09 -7.92 -36.80
C GLU B 280 -0.38 -7.83 -35.29
N MET B 281 0.45 -8.48 -34.48
CA MET B 281 0.35 -8.42 -33.01
C MET B 281 0.64 -7.01 -32.47
N TYR B 282 1.68 -6.36 -33.01
CA TYR B 282 2.02 -4.98 -32.67
C TYR B 282 0.93 -3.97 -33.09
N ARG B 283 0.32 -4.20 -34.25
CA ARG B 283 -0.84 -3.41 -34.70
C ARG B 283 -2.03 -3.49 -33.72
N LEU B 284 -2.27 -4.67 -33.15
CA LEU B 284 -3.31 -4.85 -32.12
C LEU B 284 -2.99 -4.07 -30.83
N MET B 285 -1.73 -4.12 -30.39
CA MET B 285 -1.25 -3.33 -29.21
C MET B 285 -1.45 -1.84 -29.37
N LEU B 286 -0.96 -1.30 -30.49
CA LEU B 286 -1.08 0.14 -30.80
C LEU B 286 -2.53 0.62 -30.82
N GLN B 287 -3.45 -0.21 -31.31
CA GLN B 287 -4.86 0.13 -31.33
C GLN B 287 -5.45 0.18 -29.90
N CYS B 288 -5.03 -0.75 -29.04
CA CYS B 288 -5.37 -0.68 -27.61
C CYS B 288 -4.90 0.62 -26.92
N TRP B 289 -3.79 1.20 -27.41
CA TRP B 289 -3.25 2.47 -26.89
C TRP B 289 -3.58 3.75 -27.68
N LYS B 290 -4.66 3.74 -28.47
CA LYS B 290 -5.15 4.96 -29.13
C LYS B 290 -5.57 5.98 -28.06
N GLN B 291 -5.24 7.26 -28.30
CA GLN B 291 -5.60 8.36 -27.39
C GLN B 291 -7.10 8.41 -27.14
N GLU B 292 -7.88 8.44 -28.23
N GLU B 292 -7.87 8.43 -28.22
CA GLU B 292 -9.34 8.44 -28.16
CA GLU B 292 -9.33 8.42 -28.18
C GLU B 292 -9.83 7.03 -27.81
C GLU B 292 -9.82 7.01 -27.81
N PRO B 293 -10.55 6.85 -26.66
CA PRO B 293 -11.09 5.51 -26.27
C PRO B 293 -12.02 4.81 -27.28
N ASP B 294 -12.81 5.58 -28.02
CA ASP B 294 -13.69 5.06 -29.09
C ASP B 294 -12.95 4.42 -30.29
N LYS B 295 -11.69 4.79 -30.52
CA LYS B 295 -10.85 4.19 -31.57
C LYS B 295 -10.17 2.88 -31.17
N ARG B 296 -10.16 2.55 -29.88
CA ARG B 296 -9.62 1.27 -29.39
C ARG B 296 -10.59 0.15 -29.73
N PRO B 297 -10.08 -1.10 -29.85
CA PRO B 297 -11.00 -2.22 -30.07
C PRO B 297 -11.81 -2.53 -28.81
N VAL B 298 -12.98 -3.13 -28.97
CA VAL B 298 -13.69 -3.77 -27.83
C VAL B 298 -13.12 -5.19 -27.67
N PHE B 299 -13.41 -5.82 -26.54
CA PHE B 299 -12.84 -7.16 -26.27
C PHE B 299 -13.29 -8.24 -27.27
N ALA B 300 -14.52 -8.13 -27.78
CA ALA B 300 -14.99 -9.00 -28.86
C ALA B 300 -14.13 -8.89 -30.13
N ASP B 301 -13.67 -7.67 -30.45
CA ASP B 301 -12.74 -7.43 -31.58
C ASP B 301 -11.36 -8.02 -31.31
N ILE B 302 -10.88 -7.86 -30.07
CA ILE B 302 -9.60 -8.45 -29.64
C ILE B 302 -9.66 -9.98 -29.73
N SER B 303 -10.73 -10.58 -29.17
CA SER B 303 -10.95 -12.04 -29.24
C SER B 303 -11.01 -12.55 -30.68
N LYS B 304 -11.76 -11.84 -31.52
CA LYS B 304 -11.88 -12.17 -32.95
C LYS B 304 -10.52 -12.15 -33.66
N ASP B 305 -9.76 -11.07 -33.46
CA ASP B 305 -8.37 -10.95 -33.99
C ASP B 305 -7.49 -12.16 -33.66
N LEU B 306 -7.53 -12.55 -32.38
CA LEU B 306 -6.75 -13.69 -31.88
C LEU B 306 -7.27 -15.03 -32.42
N GLU B 307 -8.60 -15.19 -32.55
CA GLU B 307 -9.20 -16.37 -33.23
C GLU B 307 -8.79 -16.47 -34.69
N LYS B 308 -8.79 -15.34 -35.39
CA LYS B 308 -8.35 -15.27 -36.79
C LYS B 308 -6.87 -15.61 -36.93
N MET B 309 -6.04 -15.05 -36.05
CA MET B 309 -4.61 -15.38 -36.01
C MET B 309 -4.35 -16.89 -35.87
N MET B 310 -5.02 -17.53 -34.90
N MET B 310 -5.00 -17.51 -34.88
CA MET B 310 -4.75 -18.95 -34.59
CA MET B 310 -4.86 -18.94 -34.56
C MET B 310 -5.21 -19.95 -35.66
C MET B 310 -5.17 -19.89 -35.71
N VAL B 311 -6.31 -19.66 -36.36
CA VAL B 311 -6.74 -20.47 -37.54
C VAL B 311 -5.80 -20.26 -38.75
N LYS B 312 -5.37 -19.02 -38.96
CA LYS B 312 -4.42 -18.67 -40.04
C LYS B 312 -2.98 -19.22 -39.88
N ARG B 313 -2.59 -19.62 -38.67
CA ARG B 313 -1.29 -20.28 -38.44
C ARG B 313 -1.27 -21.69 -39.00
#